data_4L2W
#
_entry.id   4L2W
#
_cell.length_a   142.500
_cell.length_b   56.230
_cell.length_c   80.740
_cell.angle_alpha   90.000
_cell.angle_beta   119.140
_cell.angle_gamma   90.000
#
_symmetry.space_group_name_H-M   'C 1 2 1'
#
loop_
_entity.id
_entity.type
_entity.pdbx_description
1 polymer 'Rho-associated protein kinase 1'
2 water water
#
_entity_poly.entity_id   1
_entity_poly.type   'polypeptide(L)'
_entity_poly.pdbx_seq_one_letter_code
;GIDPFTGNEGQMRELQDQLEAEQYFSTLYKTQVKELKEEIEEKNRENLKKIQELQNAAATLATQLDLAETKAESEQLARG
LLEEQYF
;
_entity_poly.pdbx_strand_id   C,D,A,B
#
# COMPACT_ATOMS: atom_id res chain seq x y z
N GLN A 11 20.73 52.45 44.25
CA GLN A 11 22.04 51.84 44.09
C GLN A 11 22.15 51.27 42.68
N MET A 12 23.38 51.05 42.22
CA MET A 12 23.60 50.63 40.84
C MET A 12 24.13 49.20 40.74
N ARG A 13 24.46 48.61 41.89
CA ARG A 13 24.77 47.18 41.94
C ARG A 13 23.52 46.41 41.52
N GLU A 14 22.36 46.92 41.94
CA GLU A 14 21.06 46.36 41.55
C GLU A 14 20.94 46.42 40.03
N LEU A 15 21.40 47.54 39.48
CA LEU A 15 21.30 47.79 38.06
C LEU A 15 22.29 46.94 37.26
N GLN A 16 23.48 46.73 37.83
CA GLN A 16 24.45 45.82 37.24
C GLN A 16 23.85 44.42 37.17
N ASP A 17 23.37 43.94 38.32
CA ASP A 17 22.72 42.64 38.39
C ASP A 17 21.61 42.51 37.36
N GLN A 18 20.74 43.52 37.29
CA GLN A 18 19.65 43.46 36.32
C GLN A 18 20.16 43.42 34.88
N LEU A 19 21.13 44.27 34.56
CA LEU A 19 21.76 44.22 33.24
C LEU A 19 22.25 42.82 32.93
N GLU A 20 22.99 42.23 33.87
CA GLU A 20 23.54 40.89 33.61
C GLU A 20 22.44 39.82 33.46
N ALA A 21 21.37 39.93 34.24
CA ALA A 21 20.21 39.04 34.05
C ALA A 21 19.64 39.15 32.63
N GLU A 22 19.45 40.39 32.17
CA GLU A 22 18.98 40.61 30.80
C GLU A 22 19.94 40.03 29.76
N GLN A 23 21.22 40.29 29.93
CA GLN A 23 22.23 39.69 29.05
C GLN A 23 22.09 38.17 29.00
N TYR A 24 21.97 37.56 30.18
CA TYR A 24 21.75 36.12 30.28
C TYR A 24 20.58 35.75 29.38
N PHE A 25 19.46 36.45 29.54
CA PHE A 25 18.28 36.08 28.75
C PHE A 25 18.46 36.25 27.23
N SER A 26 19.06 37.34 26.80
CA SER A 26 19.33 37.52 25.38
C SER A 26 20.15 36.34 24.84
N THR A 27 21.26 36.03 25.51
CA THR A 27 22.07 34.88 25.09
C THR A 27 21.24 33.59 25.04
N LEU A 28 20.55 33.29 26.14
CA LEU A 28 19.71 32.09 26.23
C LEU A 28 18.81 31.98 24.99
N TYR A 29 18.05 33.03 24.73
CA TYR A 29 17.09 33.00 23.62
C TYR A 29 17.80 32.78 22.27
N LYS A 30 18.93 33.45 22.05
CA LYS A 30 19.70 33.16 20.83
C LYS A 30 20.07 31.67 20.71
N THR A 31 20.61 31.10 21.79
CA THR A 31 20.95 29.68 21.77
C THR A 31 19.73 28.79 21.48
N GLN A 32 18.62 29.08 22.16
CA GLN A 32 17.37 28.34 21.90
C GLN A 32 16.93 28.42 20.44
N VAL A 33 17.00 29.61 19.85
CA VAL A 33 16.73 29.78 18.42
C VAL A 33 17.62 28.87 17.58
N LYS A 34 18.92 28.89 17.85
CA LYS A 34 19.79 28.02 17.06
C LYS A 34 19.42 26.52 17.20
N GLU A 35 19.16 26.07 18.43
CA GLU A 35 18.67 24.69 18.63
C GLU A 35 17.43 24.39 17.78
N LEU A 36 16.46 25.28 17.83
CA LEU A 36 15.21 25.06 17.10
C LEU A 36 15.39 25.03 15.59
N LYS A 37 16.19 25.94 15.05
CA LYS A 37 16.50 25.91 13.62
C LYS A 37 17.14 24.57 13.24
N GLU A 38 18.13 24.15 14.03
CA GLU A 38 18.74 22.83 13.88
C GLU A 38 17.67 21.75 13.80
N GLU A 39 16.81 21.71 14.81
CA GLU A 39 15.71 20.74 14.88
C GLU A 39 14.89 20.71 13.58
N ILE A 40 14.46 21.90 13.13
CA ILE A 40 13.74 22.00 11.86
C ILE A 40 14.50 21.36 10.70
N GLU A 41 15.74 21.77 10.50
CA GLU A 41 16.56 21.17 9.44
C GLU A 41 16.55 19.64 9.53
N GLU A 42 16.86 19.14 10.73
CA GLU A 42 16.92 17.69 10.95
C GLU A 42 15.60 17.02 10.57
N LYS A 43 14.49 17.64 10.95
CA LYS A 43 13.18 17.13 10.54
C LYS A 43 13.04 17.08 9.02
N ASN A 44 13.35 18.19 8.36
CA ASN A 44 13.27 18.23 6.89
C ASN A 44 14.11 17.14 6.23
N ARG A 45 15.26 16.84 6.84
CA ARG A 45 16.06 15.69 6.40
C ARG A 45 15.32 14.37 6.60
N GLU A 46 14.95 14.10 7.85
CA GLU A 46 14.36 12.81 8.21
C GLU A 46 13.12 12.49 7.39
N ASN A 47 12.26 13.48 7.22
CA ASN A 47 11.10 13.33 6.35
C ASN A 47 11.50 12.81 4.98
N LEU A 48 12.26 13.62 4.27
CA LEU A 48 12.80 13.28 2.96
C LEU A 48 13.24 11.82 2.91
N LYS A 49 14.17 11.48 3.80
CA LYS A 49 14.69 10.11 3.86
C LYS A 49 13.57 9.06 3.98
N LYS A 50 12.66 9.27 4.94
CA LYS A 50 11.59 8.30 5.16
C LYS A 50 10.67 8.16 3.94
N ILE A 51 10.32 9.28 3.30
CA ILE A 51 9.50 9.22 2.09
C ILE A 51 10.20 8.35 1.07
N GLN A 52 11.50 8.58 0.88
CA GLN A 52 12.27 7.76 -0.05
C GLN A 52 12.21 6.27 0.31
N GLU A 53 12.38 5.95 1.59
CA GLU A 53 12.24 4.56 2.01
C GLU A 53 10.85 3.98 1.63
N LEU A 54 9.79 4.76 1.88
CA LEU A 54 8.45 4.33 1.47
C LEU A 54 8.38 4.06 -0.02
N GLN A 55 8.94 4.97 -0.82
CA GLN A 55 9.02 4.77 -2.25
C GLN A 55 9.66 3.43 -2.61
N ASN A 56 10.83 3.15 -2.05
CA ASN A 56 11.45 1.85 -2.25
C ASN A 56 10.50 0.71 -1.90
N ALA A 57 9.89 0.78 -0.72
CA ALA A 57 8.97 -0.28 -0.30
C ALA A 57 7.78 -0.47 -1.24
N ALA A 58 7.28 0.62 -1.83
CA ALA A 58 6.19 0.52 -2.81
C ALA A 58 6.66 -0.09 -4.13
N ALA A 59 7.86 0.28 -4.55
CA ALA A 59 8.43 -0.24 -5.80
C ALA A 59 8.28 -1.75 -5.96
N THR A 60 8.63 -2.52 -4.94
CA THR A 60 8.56 -3.97 -5.02
C THR A 60 7.15 -4.42 -5.39
N LEU A 61 6.17 -3.88 -4.68
CA LEU A 61 4.79 -4.22 -4.94
C LEU A 61 4.44 -3.86 -6.37
N ALA A 62 4.86 -2.66 -6.79
CA ALA A 62 4.63 -2.24 -8.18
C ALA A 62 5.14 -3.28 -9.17
N THR A 63 6.40 -3.67 -9.04
CA THR A 63 6.99 -4.66 -9.94
C THR A 63 6.23 -5.98 -9.93
N GLN A 64 5.94 -6.50 -8.74
CA GLN A 64 5.19 -7.76 -8.63
C GLN A 64 3.84 -7.66 -9.33
N LEU A 65 3.16 -6.53 -9.13
CA LEU A 65 1.89 -6.30 -9.79
C LEU A 65 2.04 -6.24 -11.31
N ASP A 66 3.09 -5.58 -11.78
CA ASP A 66 3.36 -5.52 -13.22
C ASP A 66 3.49 -6.91 -13.81
N LEU A 67 4.37 -7.72 -13.21
CA LEU A 67 4.53 -9.12 -13.64
C LEU A 67 3.19 -9.83 -13.65
N ALA A 68 2.47 -9.74 -12.54
CA ALA A 68 1.14 -10.33 -12.44
C ALA A 68 0.26 -9.93 -13.62
N GLU A 69 0.19 -8.62 -13.89
CA GLU A 69 -0.68 -8.13 -14.96
C GLU A 69 -0.29 -8.66 -16.33
N THR A 70 1.02 -8.72 -16.59
CA THR A 70 1.49 -9.34 -17.83
C THR A 70 0.98 -10.78 -17.89
N LYS A 71 1.30 -11.56 -16.86
CA LYS A 71 0.91 -12.96 -16.81
C LYS A 71 -0.59 -13.13 -17.06
N ALA A 72 -1.39 -12.28 -16.42
CA ALA A 72 -2.85 -12.35 -16.58
C ALA A 72 -3.28 -12.03 -17.99
N GLU A 73 -2.71 -10.98 -18.57
CA GLU A 73 -2.99 -10.65 -19.97
C GLU A 73 -2.61 -11.80 -20.90
N SER A 74 -1.47 -12.43 -20.63
CA SER A 74 -0.99 -13.50 -21.51
C SER A 74 -1.79 -14.80 -21.37
N GLU A 75 -2.24 -15.12 -20.16
CA GLU A 75 -3.07 -16.32 -19.96
C GLU A 75 -4.47 -16.16 -20.57
N GLN A 76 -4.82 -14.95 -20.96
CA GLN A 76 -6.14 -14.68 -21.53
C GLN A 76 -6.33 -15.46 -22.82
N LEU A 77 -7.58 -15.56 -23.28
CA LEU A 77 -7.91 -16.29 -24.51
C LEU A 77 -8.86 -15.46 -25.36
N ASN B 8 29.86 59.67 38.08
CA ASN B 8 29.09 58.58 38.67
C ASN B 8 27.73 58.44 38.03
N GLU B 9 27.02 59.57 37.93
CA GLU B 9 25.76 59.63 37.21
C GLU B 9 25.92 59.13 35.78
N GLY B 10 27.12 59.35 35.23
CA GLY B 10 27.43 58.88 33.89
C GLY B 10 27.37 57.37 33.81
N GLN B 11 28.05 56.71 34.74
CA GLN B 11 28.04 55.25 34.84
C GLN B 11 26.61 54.75 34.84
N MET B 12 25.79 55.36 35.70
CA MET B 12 24.38 55.02 35.81
C MET B 12 23.65 55.16 34.48
N ARG B 13 23.77 56.34 33.87
CA ARG B 13 23.14 56.59 32.58
C ARG B 13 23.54 55.54 31.55
N GLU B 14 24.84 55.22 31.50
CA GLU B 14 25.33 54.23 30.54
C GLU B 14 24.76 52.85 30.84
N LEU B 15 24.82 52.42 32.10
CA LEU B 15 24.23 51.14 32.50
C LEU B 15 22.77 51.06 32.09
N GLN B 16 22.04 52.15 32.33
CA GLN B 16 20.64 52.20 31.95
C GLN B 16 20.48 52.02 30.44
N ASP B 17 21.29 52.74 29.68
CA ASP B 17 21.31 52.58 28.22
C ASP B 17 21.53 51.11 27.83
N GLN B 18 22.59 50.51 28.38
CA GLN B 18 22.89 49.10 28.13
C GLN B 18 21.66 48.25 28.42
N LEU B 19 21.07 48.47 29.58
CA LEU B 19 19.92 47.69 30.03
C LEU B 19 18.77 47.81 29.02
N GLU B 20 18.45 49.02 28.59
CA GLU B 20 17.40 49.18 27.58
C GLU B 20 17.74 48.41 26.29
N ALA B 21 18.99 48.53 25.82
CA ALA B 21 19.43 47.78 24.65
C ALA B 21 19.17 46.27 24.82
N GLU B 22 19.67 45.70 25.91
CA GLU B 22 19.49 44.28 26.13
C GLU B 22 18.03 43.87 26.32
N GLN B 23 17.22 44.76 26.90
CA GLN B 23 15.77 44.52 26.96
C GLN B 23 15.19 44.37 25.55
N TYR B 24 15.58 45.28 24.66
CA TYR B 24 15.19 45.17 23.25
C TYR B 24 15.55 43.80 22.69
N PHE B 25 16.84 43.49 22.66
CA PHE B 25 17.27 42.22 22.04
C PHE B 25 16.63 40.99 22.69
N SER B 26 16.73 40.93 24.01
CA SER B 26 16.09 39.86 24.78
C SER B 26 14.64 39.62 24.33
N THR B 27 13.85 40.68 24.28
CA THR B 27 12.46 40.56 23.77
C THR B 27 12.42 39.98 22.36
N LEU B 28 13.18 40.62 21.45
CA LEU B 28 13.22 40.20 20.05
C LEU B 28 13.42 38.69 19.89
N TYR B 29 14.47 38.18 20.53
CA TYR B 29 14.78 36.77 20.41
C TYR B 29 13.75 35.90 21.13
N LYS B 30 13.27 36.39 22.27
CA LYS B 30 12.17 35.73 22.96
C LYS B 30 10.99 35.49 22.01
N THR B 31 10.64 36.47 21.19
CA THR B 31 9.57 36.21 20.19
C THR B 31 10.01 35.27 19.05
N GLN B 32 11.23 35.42 18.55
CA GLN B 32 11.74 34.46 17.55
C GLN B 32 11.52 33.02 17.98
N VAL B 33 11.90 32.72 19.22
CA VAL B 33 11.67 31.39 19.80
C VAL B 33 10.22 30.95 19.63
N LYS B 34 9.29 31.81 20.08
CA LYS B 34 7.86 31.55 19.98
C LYS B 34 7.47 31.16 18.56
N GLU B 35 7.84 32.03 17.61
CA GLU B 35 7.52 31.78 16.21
C GLU B 35 8.01 30.40 15.79
N LEU B 36 9.30 30.14 15.99
CA LEU B 36 9.86 28.85 15.61
C LEU B 36 9.11 27.69 16.24
N LYS B 37 8.75 27.80 17.51
CA LYS B 37 8.01 26.73 18.18
C LYS B 37 6.69 26.49 17.45
N GLU B 38 5.98 27.58 17.15
CA GLU B 38 4.76 27.48 16.37
C GLU B 38 5.02 26.76 15.04
N GLU B 39 6.03 27.22 14.31
CA GLU B 39 6.38 26.62 13.02
C GLU B 39 6.60 25.11 13.13
N ILE B 40 7.40 24.70 14.13
CA ILE B 40 7.62 23.29 14.38
C ILE B 40 6.31 22.53 14.60
N GLU B 41 5.46 23.06 15.48
CA GLU B 41 4.18 22.42 15.74
C GLU B 41 3.36 22.27 14.44
N GLU B 42 3.32 23.33 13.63
CA GLU B 42 2.62 23.24 12.34
C GLU B 42 3.19 22.12 11.49
N LYS B 43 4.51 22.08 11.35
CA LYS B 43 5.14 21.03 10.55
C LYS B 43 4.78 19.63 11.04
N ASN B 44 4.81 19.42 12.36
CA ASN B 44 4.40 18.12 12.92
C ASN B 44 2.94 17.78 12.58
N ARG B 45 2.02 18.75 12.78
CA ARG B 45 0.63 18.56 12.39
C ARG B 45 0.50 18.11 10.93
N GLU B 46 1.01 18.95 10.03
CA GLU B 46 0.92 18.71 8.60
C GLU B 46 1.51 17.36 8.22
N ASN B 47 2.68 17.07 8.76
CA ASN B 47 3.33 15.80 8.52
C ASN B 47 2.39 14.65 8.89
N LEU B 48 1.87 14.69 10.12
CA LEU B 48 0.98 13.64 10.59
C LEU B 48 -0.22 13.47 9.66
N LYS B 49 -0.84 14.59 9.27
CA LYS B 49 -1.95 14.56 8.32
C LYS B 49 -1.57 13.81 7.05
N LYS B 50 -0.45 14.21 6.44
CA LYS B 50 -0.05 13.57 5.19
C LYS B 50 0.19 12.07 5.36
N ILE B 51 0.87 11.67 6.44
CA ILE B 51 1.01 10.23 6.73
C ILE B 51 -0.36 9.54 6.81
N GLN B 52 -1.31 10.17 7.48
CA GLN B 52 -2.67 9.62 7.56
C GLN B 52 -3.28 9.41 6.17
N GLU B 53 -3.11 10.39 5.29
CA GLU B 53 -3.54 10.24 3.90
C GLU B 53 -2.86 9.04 3.22
N LEU B 54 -1.53 8.94 3.37
CA LEU B 54 -0.82 7.77 2.85
C LEU B 54 -1.43 6.47 3.37
N GLN B 55 -1.72 6.44 4.68
CA GLN B 55 -2.33 5.25 5.29
C GLN B 55 -3.68 4.91 4.69
N ASN B 56 -4.51 5.92 4.46
CA ASN B 56 -5.74 5.70 3.71
C ASN B 56 -5.45 5.05 2.36
N ALA B 57 -4.57 5.69 1.57
CA ALA B 57 -4.24 5.17 0.24
C ALA B 57 -3.80 3.70 0.29
N ALA B 58 -2.99 3.36 1.29
CA ALA B 58 -2.55 1.96 1.46
C ALA B 58 -3.68 1.00 1.89
N ALA B 59 -4.56 1.50 2.76
CA ALA B 59 -5.67 0.69 3.27
C ALA B 59 -6.44 -0.01 2.15
N THR B 60 -6.81 0.72 1.10
CA THR B 60 -7.62 0.14 0.03
C THR B 60 -6.92 -1.07 -0.59
N LEU B 61 -5.63 -0.92 -0.86
CA LEU B 61 -4.82 -2.01 -1.38
C LEU B 61 -4.90 -3.19 -0.42
N ALA B 62 -4.62 -2.92 0.85
CA ALA B 62 -4.67 -3.96 1.87
C ALA B 62 -6.01 -4.70 1.88
N THR B 63 -7.12 -3.96 1.82
CA THR B 63 -8.43 -4.62 1.82
C THR B 63 -8.63 -5.47 0.56
N GLN B 64 -8.43 -4.88 -0.61
CA GLN B 64 -8.62 -5.64 -1.85
C GLN B 64 -7.82 -6.94 -1.83
N LEU B 65 -6.58 -6.87 -1.37
CA LEU B 65 -5.77 -8.08 -1.23
C LEU B 65 -6.37 -9.04 -0.20
N ASP B 66 -6.78 -8.52 0.95
CA ASP B 66 -7.45 -9.34 1.97
C ASP B 66 -8.60 -10.13 1.37
N LEU B 67 -9.52 -9.42 0.73
CA LEU B 67 -10.71 -10.05 0.18
C LEU B 67 -10.35 -11.03 -0.94
N ALA B 68 -9.40 -10.65 -1.79
CA ALA B 68 -8.89 -11.58 -2.81
C ALA B 68 -8.39 -12.84 -2.14
N GLU B 69 -7.63 -12.67 -1.05
CA GLU B 69 -7.02 -13.77 -0.33
C GLU B 69 -8.08 -14.71 0.26
N THR B 70 -8.98 -14.18 1.08
CA THR B 70 -9.99 -15.03 1.69
C THR B 70 -10.87 -15.67 0.61
N LYS B 71 -11.24 -14.89 -0.40
CA LYS B 71 -12.01 -15.43 -1.51
C LYS B 71 -11.25 -16.57 -2.17
N ALA B 72 -9.94 -16.43 -2.30
CA ALA B 72 -9.12 -17.49 -2.85
C ALA B 72 -9.08 -18.67 -1.89
N GLU B 73 -9.08 -18.38 -0.59
CA GLU B 73 -9.02 -19.42 0.43
C GLU B 73 -10.31 -20.24 0.51
N SER B 74 -11.44 -19.68 0.09
CA SER B 74 -12.66 -20.47 -0.04
C SER B 74 -12.64 -21.55 -1.15
N GLU B 75 -12.22 -21.17 -2.36
CA GLU B 75 -11.98 -22.12 -3.44
C GLU B 75 -10.59 -22.76 -3.31
N GLY C 10 -36.05 -58.47 -28.39
CA GLY C 10 -35.58 -58.91 -27.09
C GLY C 10 -34.20 -58.38 -26.79
N GLN C 11 -33.24 -58.74 -27.63
CA GLN C 11 -31.88 -58.21 -27.53
C GLN C 11 -31.76 -56.94 -28.38
N MET C 12 -32.72 -56.77 -29.29
CA MET C 12 -32.72 -55.65 -30.22
C MET C 12 -33.07 -54.33 -29.51
N ARG C 13 -34.24 -54.28 -28.89
CA ARG C 13 -34.64 -53.07 -28.20
C ARG C 13 -33.74 -52.85 -26.99
N GLU C 14 -33.15 -53.92 -26.48
CA GLU C 14 -32.15 -53.81 -25.43
C GLU C 14 -30.91 -53.11 -26.00
N LEU C 15 -30.54 -53.53 -27.21
CA LEU C 15 -29.49 -52.84 -27.98
C LEU C 15 -29.79 -51.34 -28.03
N GLN C 16 -30.98 -51.00 -28.53
CA GLN C 16 -31.39 -49.59 -28.63
C GLN C 16 -31.36 -48.89 -27.28
N ASP C 17 -31.84 -49.56 -26.24
CA ASP C 17 -31.81 -49.02 -24.89
C ASP C 17 -30.37 -48.68 -24.46
N GLN C 18 -29.46 -49.63 -24.68
CA GLN C 18 -28.05 -49.40 -24.41
C GLN C 18 -27.55 -48.17 -25.17
N LEU C 19 -27.92 -48.07 -26.44
CA LEU C 19 -27.59 -46.90 -27.24
C LEU C 19 -28.08 -45.60 -26.59
N GLU C 20 -29.37 -45.57 -26.23
CA GLU C 20 -29.95 -44.37 -25.60
C GLU C 20 -29.22 -43.98 -24.32
N ALA C 21 -28.94 -44.97 -23.47
CA ALA C 21 -28.18 -44.74 -22.24
C ALA C 21 -26.80 -44.13 -22.54
N GLU C 22 -26.10 -44.74 -23.50
CA GLU C 22 -24.80 -44.22 -23.90
C GLU C 22 -24.88 -42.77 -24.34
N GLN C 23 -25.85 -42.47 -25.21
CA GLN C 23 -26.04 -41.09 -25.65
C GLN C 23 -26.27 -40.18 -24.45
N TYR C 24 -27.19 -40.57 -23.58
CA TYR C 24 -27.48 -39.80 -22.37
C TYR C 24 -26.19 -39.41 -21.66
N PHE C 25 -25.34 -40.39 -21.39
CA PHE C 25 -24.07 -40.09 -20.72
C PHE C 25 -23.10 -39.25 -21.56
N SER C 26 -23.03 -39.51 -22.86
CA SER C 26 -22.19 -38.70 -23.74
C SER C 26 -22.57 -37.21 -23.64
N THR C 27 -23.85 -36.89 -23.78
CA THR C 27 -24.26 -35.49 -23.70
C THR C 27 -24.08 -34.93 -22.28
N LEU C 28 -24.46 -35.74 -21.29
CA LEU C 28 -24.29 -35.35 -19.89
C LEU C 28 -22.87 -34.86 -19.67
N TYR C 29 -21.90 -35.64 -20.14
CA TYR C 29 -20.51 -35.26 -19.98
C TYR C 29 -20.10 -34.05 -20.85
N LYS C 30 -20.59 -34.01 -22.09
CA LYS C 30 -20.40 -32.84 -22.94
C LYS C 30 -20.71 -31.55 -22.18
N THR C 31 -21.92 -31.47 -21.66
CA THR C 31 -22.35 -30.24 -20.96
C THR C 31 -21.44 -29.91 -19.79
N GLN C 32 -20.95 -30.94 -19.09
CA GLN C 32 -20.04 -30.72 -17.98
C GLN C 32 -18.75 -30.07 -18.49
N VAL C 33 -18.21 -30.63 -19.58
CA VAL C 33 -17.03 -30.06 -20.22
C VAL C 33 -17.26 -28.58 -20.56
N LYS C 34 -18.40 -28.28 -21.19
CA LYS C 34 -18.74 -26.88 -21.48
C LYS C 34 -18.74 -26.00 -20.22
N GLU C 35 -19.49 -26.42 -19.21
CA GLU C 35 -19.54 -25.70 -17.94
C GLU C 35 -18.16 -25.38 -17.42
N LEU C 36 -17.33 -26.40 -17.30
CA LEU C 36 -15.97 -26.23 -16.78
C LEU C 36 -15.17 -25.23 -17.63
N LYS C 37 -15.21 -25.39 -18.96
CA LYS C 37 -14.55 -24.44 -19.85
C LYS C 37 -14.99 -23.00 -19.54
N GLU C 38 -16.30 -22.79 -19.51
CA GLU C 38 -16.85 -21.49 -19.19
C GLU C 38 -16.28 -20.97 -17.88
N GLU C 39 -16.26 -21.83 -16.87
CA GLU C 39 -15.71 -21.46 -15.56
C GLU C 39 -14.26 -21.01 -15.66
N ILE C 40 -13.45 -21.74 -16.43
CA ILE C 40 -12.06 -21.32 -16.68
C ILE C 40 -11.98 -19.92 -17.29
N GLU C 41 -12.71 -19.69 -18.38
CA GLU C 41 -12.75 -18.36 -19.01
C GLU C 41 -13.07 -17.28 -17.98
N GLU C 42 -14.17 -17.49 -17.25
CA GLU C 42 -14.60 -16.52 -16.24
C GLU C 42 -13.53 -16.26 -15.17
N LYS C 43 -12.87 -17.32 -14.72
CA LYS C 43 -11.75 -17.15 -13.78
C LYS C 43 -10.68 -16.25 -14.39
N ASN C 44 -10.22 -16.57 -15.60
CA ASN C 44 -9.21 -15.74 -16.24
C ASN C 44 -9.62 -14.26 -16.28
N ARG C 45 -10.82 -14.00 -16.76
CA ARG C 45 -11.34 -12.63 -16.80
C ARG C 45 -11.30 -11.95 -15.44
N GLU C 46 -11.88 -12.59 -14.43
CA GLU C 46 -11.93 -12.01 -13.10
C GLU C 46 -10.53 -11.75 -12.54
N ASN C 47 -9.61 -12.69 -12.76
CA ASN C 47 -8.23 -12.53 -12.34
C ASN C 47 -7.58 -11.28 -12.94
N LEU C 48 -7.67 -11.17 -14.27
CA LEU C 48 -7.17 -9.98 -14.97
C LEU C 48 -7.75 -8.72 -14.32
N LYS C 49 -9.08 -8.70 -14.21
CA LYS C 49 -9.78 -7.55 -13.64
C LYS C 49 -9.25 -7.19 -12.25
N LYS C 50 -9.07 -8.19 -11.41
CA LYS C 50 -8.52 -7.98 -10.07
C LYS C 50 -7.16 -7.28 -10.13
N ILE C 51 -6.27 -7.79 -10.97
CA ILE C 51 -4.94 -7.16 -11.09
C ILE C 51 -5.07 -5.70 -11.54
N GLN C 52 -5.91 -5.46 -12.54
CA GLN C 52 -6.11 -4.08 -12.99
C GLN C 52 -6.56 -3.17 -11.83
N GLU C 53 -7.56 -3.63 -11.06
CA GLU C 53 -7.99 -2.91 -9.87
C GLU C 53 -6.82 -2.62 -8.92
N LEU C 54 -6.08 -3.68 -8.58
CA LEU C 54 -4.94 -3.53 -7.69
C LEU C 54 -4.00 -2.44 -8.18
N GLN C 55 -3.69 -2.46 -9.47
CA GLN C 55 -2.87 -1.42 -10.06
C GLN C 55 -3.48 -0.04 -9.85
N ASN C 56 -4.77 0.10 -10.14
CA ASN C 56 -5.43 1.39 -9.92
C ASN C 56 -5.28 1.88 -8.49
N ALA C 57 -5.48 0.98 -7.53
CA ALA C 57 -5.29 1.35 -6.12
C ALA C 57 -3.85 1.76 -5.84
N ALA C 58 -2.90 0.97 -6.34
CA ALA C 58 -1.48 1.25 -6.13
C ALA C 58 -1.05 2.61 -6.67
N ALA C 59 -1.49 2.92 -7.89
CA ALA C 59 -1.13 4.18 -8.53
C ALA C 59 -1.38 5.40 -7.65
N THR C 60 -2.49 5.41 -6.92
CA THR C 60 -2.83 6.59 -6.11
C THR C 60 -1.79 6.79 -5.00
N LEU C 61 -1.47 5.69 -4.32
CA LEU C 61 -0.44 5.71 -3.28
C LEU C 61 0.85 6.21 -3.91
N ALA C 62 1.14 5.70 -5.10
CA ALA C 62 2.34 6.11 -5.82
C ALA C 62 2.39 7.62 -6.05
N THR C 63 1.32 8.19 -6.59
CA THR C 63 1.34 9.64 -6.82
C THR C 63 1.45 10.42 -5.51
N GLN C 64 0.70 10.01 -4.49
CA GLN C 64 0.78 10.72 -3.20
C GLN C 64 2.21 10.70 -2.63
N LEU C 65 2.86 9.54 -2.71
CA LEU C 65 4.26 9.45 -2.30
C LEU C 65 5.15 10.38 -3.12
N ASP C 66 4.95 10.38 -4.44
CA ASP C 66 5.72 11.28 -5.30
C ASP C 66 5.56 12.75 -4.91
N LEU C 67 4.31 13.19 -4.68
CA LEU C 67 4.06 14.55 -4.20
C LEU C 67 4.83 14.79 -2.91
N ALA C 68 4.63 13.92 -1.93
CA ALA C 68 5.36 14.01 -0.68
C ALA C 68 6.86 14.15 -0.94
N GLU C 69 7.37 13.39 -1.90
CA GLU C 69 8.79 13.44 -2.23
C GLU C 69 9.22 14.80 -2.77
N THR C 70 8.53 15.29 -3.80
CA THR C 70 8.91 16.57 -4.38
C THR C 70 8.81 17.71 -3.35
N LYS C 71 7.75 17.68 -2.53
CA LYS C 71 7.61 18.68 -1.48
C LYS C 71 8.77 18.59 -0.49
N ALA C 72 9.05 17.38 -0.02
CA ALA C 72 10.19 17.17 0.88
C ALA C 72 11.49 17.65 0.24
N GLU C 73 11.66 17.40 -1.05
CA GLU C 73 12.86 17.83 -1.76
C GLU C 73 12.98 19.34 -1.75
N SER C 74 11.90 20.03 -2.11
CA SER C 74 11.93 21.48 -2.15
C SER C 74 12.14 22.09 -0.75
N GLU C 75 11.41 21.59 0.23
CA GLU C 75 11.51 22.11 1.62
C GLU C 75 12.96 22.10 2.12
N GLN C 76 13.76 21.18 1.57
CA GLN C 76 15.15 21.04 1.98
C GLN C 76 16.05 21.88 1.08
N GLN D 11 -29.28 -52.07 -39.04
CA GLN D 11 -29.91 -53.14 -38.29
C GLN D 11 -29.12 -53.44 -37.01
N MET D 12 -29.17 -54.69 -36.54
CA MET D 12 -28.49 -55.08 -35.31
C MET D 12 -26.97 -54.91 -35.39
N ARG D 13 -26.46 -54.72 -36.60
CA ARG D 13 -25.03 -54.43 -36.80
C ARG D 13 -24.82 -52.92 -36.72
N GLU D 14 -25.73 -52.19 -37.35
CA GLU D 14 -25.68 -50.73 -37.35
C GLU D 14 -25.68 -50.19 -35.92
N LEU D 15 -26.67 -50.62 -35.14
CA LEU D 15 -26.77 -50.17 -33.77
C LEU D 15 -25.54 -50.57 -32.97
N GLN D 16 -25.14 -51.84 -33.08
CA GLN D 16 -23.97 -52.32 -32.35
C GLN D 16 -22.75 -51.46 -32.66
N ASP D 17 -22.56 -51.12 -33.93
CA ASP D 17 -21.49 -50.22 -34.32
C ASP D 17 -21.69 -48.82 -33.72
N GLN D 18 -22.93 -48.33 -33.77
CA GLN D 18 -23.27 -47.01 -33.25
C GLN D 18 -23.03 -46.91 -31.74
N LEU D 19 -23.28 -48.02 -31.04
CA LEU D 19 -23.12 -48.10 -29.60
C LEU D 19 -21.64 -48.25 -29.23
N GLU D 20 -20.95 -49.17 -29.91
CA GLU D 20 -19.51 -49.30 -29.74
C GLU D 20 -18.87 -47.94 -29.98
N ALA D 21 -19.33 -47.25 -31.00
CA ALA D 21 -18.88 -45.89 -31.26
C ALA D 21 -19.12 -45.06 -30.01
N GLU D 22 -20.39 -44.86 -29.64
CA GLU D 22 -20.76 -43.98 -28.54
C GLU D 22 -19.97 -44.18 -27.24
N GLN D 23 -19.71 -45.45 -26.91
CA GLN D 23 -18.90 -45.77 -25.72
C GLN D 23 -17.56 -45.01 -25.68
N TYR D 24 -16.87 -44.99 -26.81
CA TYR D 24 -15.58 -44.30 -26.91
C TYR D 24 -15.70 -42.79 -26.62
N PHE D 25 -16.80 -42.19 -27.05
CA PHE D 25 -16.99 -40.76 -26.86
C PHE D 25 -17.37 -40.47 -25.41
N SER D 26 -18.20 -41.33 -24.83
CA SER D 26 -18.51 -41.18 -23.41
C SER D 26 -17.20 -41.21 -22.60
N THR D 27 -16.35 -42.20 -22.86
CA THR D 27 -15.04 -42.24 -22.19
C THR D 27 -14.24 -40.98 -22.48
N LEU D 28 -14.22 -40.58 -23.76
CA LEU D 28 -13.54 -39.36 -24.20
C LEU D 28 -13.90 -38.14 -23.33
N TYR D 29 -15.18 -37.83 -23.24
CA TYR D 29 -15.60 -36.67 -22.46
C TYR D 29 -15.38 -36.85 -20.96
N LYS D 30 -15.64 -38.06 -20.44
CA LYS D 30 -15.34 -38.32 -19.03
C LYS D 30 -13.89 -37.92 -18.71
N THR D 31 -12.97 -38.41 -19.53
CA THR D 31 -11.57 -37.99 -19.41
C THR D 31 -11.43 -36.46 -19.50
N GLN D 32 -12.01 -35.84 -20.53
CA GLN D 32 -11.95 -34.37 -20.64
C GLN D 32 -12.36 -33.66 -19.34
N VAL D 33 -13.45 -34.12 -18.75
CA VAL D 33 -13.93 -33.56 -17.49
C VAL D 33 -12.87 -33.71 -16.41
N LYS D 34 -12.35 -34.94 -16.26
CA LYS D 34 -11.29 -35.17 -15.29
C LYS D 34 -10.08 -34.26 -15.51
N GLU D 35 -9.72 -34.03 -16.77
CA GLU D 35 -8.63 -33.11 -17.11
C GLU D 35 -8.93 -31.69 -16.62
N LEU D 36 -10.09 -31.15 -17.04
CA LEU D 36 -10.48 -29.79 -16.69
C LEU D 36 -10.56 -29.56 -15.16
N LYS D 37 -11.20 -30.47 -14.44
CA LYS D 37 -11.28 -30.35 -12.98
C LYS D 37 -9.89 -30.12 -12.37
N GLU D 38 -8.92 -30.88 -12.87
CA GLU D 38 -7.55 -30.77 -12.38
C GLU D 38 -6.93 -29.43 -12.79
N GLU D 39 -7.14 -29.04 -14.04
CA GLU D 39 -6.69 -27.73 -14.50
C GLU D 39 -7.16 -26.63 -13.55
N ILE D 40 -8.43 -26.64 -13.19
CA ILE D 40 -8.96 -25.65 -12.25
C ILE D 40 -8.29 -25.75 -10.88
N GLU D 41 -8.21 -26.98 -10.35
CA GLU D 41 -7.55 -27.18 -9.07
C GLU D 41 -6.11 -26.64 -9.09
N GLU D 42 -5.45 -26.73 -10.24
CA GLU D 42 -4.12 -26.15 -10.37
C GLU D 42 -4.17 -24.62 -10.34
N LYS D 43 -5.04 -24.09 -11.19
CA LYS D 43 -5.15 -22.63 -11.34
C LYS D 43 -5.47 -21.93 -10.01
N ASN D 44 -6.42 -22.47 -9.26
CA ASN D 44 -6.77 -21.88 -7.96
C ASN D 44 -5.56 -21.83 -7.04
N ARG D 45 -4.83 -22.93 -7.03
CA ARG D 45 -3.59 -23.05 -6.28
C ARG D 45 -2.63 -21.90 -6.64
N GLU D 46 -2.27 -21.82 -7.92
CA GLU D 46 -1.29 -20.81 -8.33
C GLU D 46 -1.79 -19.39 -8.07
N ASN D 47 -3.10 -19.18 -8.20
CA ASN D 47 -3.70 -17.88 -7.84
C ASN D 47 -3.49 -17.55 -6.36
N LEU D 48 -3.87 -18.47 -5.48
CA LEU D 48 -3.64 -18.30 -4.05
C LEU D 48 -2.18 -17.92 -3.82
N LYS D 49 -1.27 -18.68 -4.45
CA LYS D 49 0.15 -18.39 -4.36
C LYS D 49 0.43 -16.92 -4.68
N LYS D 50 0.05 -16.50 -5.89
CA LYS D 50 0.29 -15.12 -6.33
C LYS D 50 -0.21 -14.09 -5.31
N ILE D 51 -1.43 -14.28 -4.82
CA ILE D 51 -1.97 -13.36 -3.82
C ILE D 51 -1.10 -13.32 -2.57
N GLN D 52 -0.69 -14.49 -2.07
CA GLN D 52 0.21 -14.52 -0.92
C GLN D 52 1.50 -13.73 -1.18
N GLU D 53 2.05 -13.89 -2.38
CA GLU D 53 3.22 -13.10 -2.77
C GLU D 53 2.94 -11.59 -2.72
N LEU D 54 1.84 -11.17 -3.35
CA LEU D 54 1.46 -9.76 -3.32
C LEU D 54 1.32 -9.24 -1.89
N GLN D 55 0.70 -10.03 -1.01
CA GLN D 55 0.59 -9.64 0.38
C GLN D 55 1.97 -9.43 0.99
N ASN D 56 2.85 -10.41 0.83
CA ASN D 56 4.23 -10.27 1.30
C ASN D 56 4.89 -9.00 0.78
N ALA D 57 4.62 -8.66 -0.47
CA ALA D 57 5.13 -7.39 -1.00
C ALA D 57 4.57 -6.20 -0.23
N ALA D 58 3.24 -6.08 -0.19
CA ALA D 58 2.60 -4.91 0.44
C ALA D 58 2.94 -4.74 1.92
N ALA D 59 3.16 -5.88 2.60
CA ALA D 59 3.47 -5.88 4.03
C ALA D 59 4.60 -4.92 4.44
N THR D 60 5.71 -4.96 3.72
CA THR D 60 6.86 -4.12 4.05
C THR D 60 6.47 -2.65 4.11
N LEU D 61 5.83 -2.19 3.05
CA LEU D 61 5.37 -0.80 2.94
C LEU D 61 4.44 -0.47 4.08
N ALA D 62 3.44 -1.33 4.28
CA ALA D 62 2.46 -1.09 5.35
C ALA D 62 3.14 -0.95 6.72
N THR D 63 4.09 -1.82 7.02
CA THR D 63 4.83 -1.73 8.29
C THR D 63 5.53 -0.39 8.39
N GLN D 64 6.32 -0.05 7.36
CA GLN D 64 7.03 1.23 7.38
C GLN D 64 6.10 2.41 7.61
N LEU D 65 4.93 2.40 6.96
CA LEU D 65 3.93 3.45 7.17
C LEU D 65 3.47 3.48 8.63
N ASP D 66 3.09 2.33 9.18
CA ASP D 66 2.67 2.29 10.57
C ASP D 66 3.73 2.86 11.51
N LEU D 67 4.98 2.41 11.35
CA LEU D 67 6.08 2.96 12.14
C LEU D 67 6.17 4.48 11.98
N ALA D 68 6.12 4.94 10.73
CA ALA D 68 6.11 6.38 10.45
C ALA D 68 5.03 7.10 11.23
N GLU D 69 3.81 6.55 11.21
CA GLU D 69 2.69 7.17 11.91
C GLU D 69 2.90 7.22 13.43
N THR D 70 3.32 6.11 14.03
CA THR D 70 3.61 6.12 15.45
C THR D 70 4.69 7.17 15.78
N LYS D 71 5.77 7.16 15.02
CA LYS D 71 6.85 8.13 15.24
C LYS D 71 6.30 9.54 15.15
N ALA D 72 5.50 9.80 14.12
CA ALA D 72 4.87 11.11 13.96
C ALA D 72 4.05 11.49 15.17
N GLU D 73 3.20 10.58 15.63
CA GLU D 73 2.36 10.84 16.80
C GLU D 73 3.20 11.09 18.04
N SER D 74 4.29 10.33 18.19
CA SER D 74 5.16 10.48 19.35
C SER D 74 5.83 11.84 19.39
N GLU D 75 5.97 12.48 18.24
CA GLU D 75 6.57 13.81 18.15
C GLU D 75 5.64 14.87 18.73
N GLN D 76 4.38 14.50 18.96
CA GLN D 76 3.38 15.43 19.46
C GLN D 76 3.07 15.19 20.94
N LEU D 77 3.86 14.31 21.57
CA LEU D 77 3.70 14.04 22.99
C LEU D 77 4.46 15.07 23.81
#